data_4RPQ
#
_entry.id   4RPQ
#
_cell.length_a   49.554
_cell.length_b   66.796
_cell.length_c   47.191
_cell.angle_alpha   90.00
_cell.angle_beta   93.08
_cell.angle_gamma   90.00
#
_symmetry.space_group_name_H-M   'P 1 21 1'
#
loop_
_entity.id
_entity.type
_entity.pdbx_description
1 polymer 'Aldose reductase'
2 non-polymer '({3-[(3-nitrobenzyl)carbamoyl]biphenyl-4-yl}oxy)acetic acid'
3 non-polymer 'NADP NICOTINAMIDE-ADENINE-DINUCLEOTIDE PHOSPHATE'
4 water water
#
_entity_poly.entity_id   1
_entity_poly.type   'polypeptide(L)'
_entity_poly.pdbx_seq_one_letter_code
;ASRILLNNGAKMPILGLGTWKSPPGQVTEAVKVAIDVGYRHIDCAHVYQNENEVGVAIQEKLREQVVKREELFIVSKLWC
TYHEKGLVKGACQKTLSDLKLDYLDLYLIHWPTGFKPGKEFFPLDESGNVVPSDTNILDTWAAMEELVDEGLVKAIGISN
FNHLQVEMILNKPGLKYKPAVNQIECHPYLTQEKLIQYCQSKGIVVTAYSPLGSPDRPWAKPEDPSLLEDPRIKAIAAKH
NKTTAQVLIRFPMQRNLVVIPKSVTPERIAENFKVFDFELSSQDMTTLLSYNRNWRVCALLSCTSHKDYPFHEEF
;
_entity_poly.pdbx_strand_id   A
#
loop_
_chem_comp.id
_chem_comp.type
_chem_comp.name
_chem_comp.formula
3UH non-polymer '({3-[(3-nitrobenzyl)carbamoyl]biphenyl-4-yl}oxy)acetic acid' 'C22 H18 N2 O6'
NAP non-polymer 'NADP NICOTINAMIDE-ADENINE-DINUCLEOTIDE PHOSPHATE' 'C21 H28 N7 O17 P3'
#
# COMPACT_ATOMS: atom_id res chain seq x y z
N SER A 2 9.42 8.67 -13.52
CA SER A 2 8.34 7.72 -13.28
C SER A 2 8.67 6.70 -12.19
N ARG A 3 9.92 6.69 -11.72
CA ARG A 3 10.29 5.90 -10.56
C ARG A 3 10.95 6.77 -9.51
N ILE A 4 10.87 6.34 -8.27
CA ILE A 4 11.48 7.03 -7.14
C ILE A 4 12.55 6.14 -6.51
N LEU A 5 13.66 6.74 -6.14
CA LEU A 5 14.77 5.99 -5.56
C LEU A 5 14.51 5.65 -4.09
N LEU A 6 14.57 4.36 -3.75
CA LEU A 6 14.46 3.92 -2.35
C LEU A 6 15.80 3.89 -1.65
N ASN A 7 15.75 3.86 -0.32
CA ASN A 7 16.96 3.83 0.48
C ASN A 7 17.67 2.48 0.49
N ASN A 8 17.19 1.53 -0.32
CA ASN A 8 17.93 0.30 -0.57
C ASN A 8 18.66 0.35 -1.90
N GLY A 9 18.56 1.48 -2.61
CA GLY A 9 19.22 1.61 -3.91
C GLY A 9 18.38 1.23 -5.13
N ALA A 10 17.19 0.68 -4.91
CA ALA A 10 16.32 0.29 -6.01
C ALA A 10 15.32 1.40 -6.35
N LYS A 11 14.81 1.36 -7.58
CA LYS A 11 13.83 2.35 -8.02
C LYS A 11 12.44 1.74 -8.05
N MET A 12 11.47 2.49 -7.53
CA MET A 12 10.10 2.02 -7.38
C MET A 12 9.19 2.85 -8.27
N PRO A 13 8.41 2.20 -9.16
CA PRO A 13 7.48 2.97 -9.99
C PRO A 13 6.48 3.73 -9.13
N ILE A 14 6.30 5.01 -9.45
CA ILE A 14 5.44 5.85 -8.62
C ILE A 14 3.94 5.59 -8.81
N LEU A 15 3.59 4.87 -9.87
CA LEU A 15 2.20 4.45 -10.06
C LEU A 15 2.16 2.92 -10.01
N GLY A 16 1.28 2.37 -9.18
CA GLY A 16 1.06 0.94 -9.15
C GLY A 16 -0.41 0.59 -9.16
N LEU A 17 -0.70 -0.69 -9.37
CA LEU A 17 -2.07 -1.19 -9.35
C LEU A 17 -2.42 -1.81 -8.01
N GLY A 18 -3.48 -1.29 -7.40
CA GLY A 18 -4.00 -1.88 -6.18
C GLY A 18 -4.83 -3.12 -6.46
N THR A 19 -4.87 -4.06 -5.50
CA THR A 19 -5.59 -5.31 -5.69
C THR A 19 -6.53 -5.71 -4.55
N TRP A 20 -6.67 -4.86 -3.52
CA TRP A 20 -7.63 -5.16 -2.46
C TRP A 20 -9.05 -5.02 -3.03
N LYS A 21 -9.85 -6.07 -2.83
CA LYS A 21 -11.25 -6.17 -3.29
C LYS A 21 -11.38 -6.61 -4.74
N SER A 22 -10.25 -6.77 -5.43
CA SER A 22 -10.28 -7.29 -6.79
C SER A 22 -10.64 -8.76 -6.72
N PRO A 23 -11.83 -9.14 -7.24
CA PRO A 23 -12.27 -10.52 -7.02
C PRO A 23 -11.32 -11.51 -7.66
N PRO A 24 -11.13 -12.67 -7.02
CA PRO A 24 -10.17 -13.65 -7.52
C PRO A 24 -10.44 -14.04 -8.98
N GLY A 25 -11.71 -14.09 -9.37
CA GLY A 25 -12.06 -14.46 -10.74
C GLY A 25 -11.89 -13.35 -11.77
N GLN A 26 -11.53 -12.15 -11.31
CA GLN A 26 -11.36 -11.00 -12.22
C GLN A 26 -9.96 -10.41 -12.21
N VAL A 27 -9.20 -10.69 -11.15
CA VAL A 27 -7.94 -9.98 -10.97
C VAL A 27 -6.86 -10.42 -11.95
N THR A 28 -6.91 -11.66 -12.43
CA THR A 28 -5.92 -12.10 -13.42
C THR A 28 -6.01 -11.22 -14.68
N GLU A 29 -7.22 -11.04 -15.20
CA GLU A 29 -7.41 -10.21 -16.37
C GLU A 29 -7.03 -8.75 -16.09
N ALA A 30 -7.37 -8.28 -14.90
CA ALA A 30 -7.06 -6.90 -14.52
C ALA A 30 -5.56 -6.66 -14.55
N VAL A 31 -4.80 -7.59 -13.98
CA VAL A 31 -3.36 -7.43 -13.92
C VAL A 31 -2.73 -7.57 -15.31
N LYS A 32 -3.25 -8.47 -16.13
CA LYS A 32 -2.78 -8.60 -17.51
C LYS A 32 -2.95 -7.30 -18.28
N VAL A 33 -4.14 -6.73 -18.17
CA VAL A 33 -4.44 -5.47 -18.83
C VAL A 33 -3.53 -4.36 -18.30
N ALA A 34 -3.38 -4.30 -16.99
CA ALA A 34 -2.50 -3.30 -16.38
C ALA A 34 -1.09 -3.38 -16.94
N ILE A 35 -0.52 -4.58 -16.98
CA ILE A 35 0.83 -4.74 -17.52
C ILE A 35 0.88 -4.31 -18.99
N ASP A 36 -0.14 -4.69 -19.77
CA ASP A 36 -0.18 -4.31 -21.17
C ASP A 36 -0.16 -2.79 -21.39
N VAL A 37 -0.84 -2.05 -20.52
CA VAL A 37 -0.93 -0.60 -20.72
C VAL A 37 0.16 0.18 -19.99
N GLY A 38 1.05 -0.53 -19.31
CA GLY A 38 2.26 0.07 -18.78
C GLY A 38 2.54 -0.05 -17.30
N TYR A 39 1.61 -0.59 -16.52
CA TYR A 39 1.90 -0.73 -15.09
C TYR A 39 3.05 -1.69 -14.88
N ARG A 40 3.93 -1.35 -13.96
CA ARG A 40 5.08 -2.19 -13.64
C ARG A 40 5.16 -2.48 -12.15
N HIS A 41 4.24 -1.92 -11.38
CA HIS A 41 4.20 -2.04 -9.93
C HIS A 41 2.80 -2.56 -9.58
N ILE A 42 2.75 -3.65 -8.83
CA ILE A 42 1.49 -4.21 -8.37
C ILE A 42 1.54 -4.30 -6.85
N ASP A 43 0.51 -3.77 -6.18
CA ASP A 43 0.41 -3.84 -4.73
C ASP A 43 -0.49 -4.99 -4.33
N CYS A 44 0.07 -5.93 -3.57
CA CYS A 44 -0.59 -7.17 -3.20
C CYS A 44 -0.63 -7.34 -1.68
N ALA A 45 -1.36 -8.35 -1.22
CA ALA A 45 -1.25 -8.76 0.18
C ALA A 45 -1.83 -10.15 0.34
N HIS A 46 -1.23 -10.95 1.21
CA HIS A 46 -1.77 -12.25 1.54
C HIS A 46 -3.24 -12.15 1.97
N VAL A 47 -3.56 -11.15 2.78
CA VAL A 47 -4.91 -11.04 3.34
C VAL A 47 -5.95 -10.73 2.25
N TYR A 48 -5.51 -10.28 1.07
CA TYR A 48 -6.46 -9.95 -0.01
C TYR A 48 -7.00 -11.22 -0.68
N GLN A 49 -6.39 -12.37 -0.38
CA GLN A 49 -6.90 -13.70 -0.81
C GLN A 49 -6.98 -13.87 -2.32
N ASN A 50 -6.11 -13.18 -3.04
CA ASN A 50 -6.11 -13.26 -4.49
C ASN A 50 -4.70 -13.27 -5.06
N GLU A 51 -3.70 -13.56 -4.23
CA GLU A 51 -2.32 -13.54 -4.72
C GLU A 51 -2.05 -14.63 -5.75
N ASN A 52 -2.70 -15.79 -5.63
CA ASN A 52 -2.52 -16.82 -6.65
C ASN A 52 -2.90 -16.29 -8.03
N GLU A 53 -4.05 -15.63 -8.10
CA GLU A 53 -4.58 -15.12 -9.36
C GLU A 53 -3.79 -13.92 -9.90
N VAL A 54 -3.32 -13.05 -9.01
CA VAL A 54 -2.38 -12.00 -9.42
C VAL A 54 -1.14 -12.66 -10.03
N GLY A 55 -0.65 -13.71 -9.38
CA GLY A 55 0.54 -14.40 -9.84
C GLY A 55 0.37 -15.01 -11.22
N VAL A 56 -0.82 -15.54 -11.51
CA VAL A 56 -1.08 -16.12 -12.82
C VAL A 56 -0.86 -15.06 -13.91
N ALA A 57 -1.36 -13.86 -13.67
CA ALA A 57 -1.19 -12.78 -14.64
C ALA A 57 0.27 -12.41 -14.83
N ILE A 58 0.98 -12.25 -13.72
CA ILE A 58 2.39 -11.88 -13.78
C ILE A 58 3.16 -12.93 -14.57
N GLN A 59 2.90 -14.20 -14.26
CA GLN A 59 3.63 -15.29 -14.90
C GLN A 59 3.35 -15.36 -16.39
N GLU A 60 2.08 -15.18 -16.78
CA GLU A 60 1.72 -15.18 -18.19
C GLU A 60 2.45 -14.09 -18.96
N LYS A 61 2.52 -12.89 -18.38
CA LYS A 61 3.19 -11.78 -19.05
C LYS A 61 4.71 -11.97 -19.11
N LEU A 62 5.29 -12.60 -18.09
CA LEU A 62 6.70 -12.97 -18.13
C LEU A 62 6.96 -14.02 -19.21
N ARG A 63 6.13 -15.07 -19.22
CA ARG A 63 6.26 -16.16 -20.19
C ARG A 63 6.06 -15.65 -21.64
N GLU A 64 5.12 -14.73 -21.81
CA GLU A 64 4.83 -14.12 -23.12
C GLU A 64 5.91 -13.16 -23.59
N GLN A 65 6.85 -12.84 -22.72
CA GLN A 65 7.93 -11.89 -23.02
C GLN A 65 7.41 -10.47 -23.23
N VAL A 66 6.37 -10.12 -22.48
CA VAL A 66 5.83 -8.76 -22.51
C VAL A 66 6.67 -7.86 -21.62
N VAL A 67 7.14 -8.42 -20.52
N VAL A 67 7.18 -8.42 -20.53
CA VAL A 67 8.00 -7.70 -19.58
CA VAL A 67 7.97 -7.68 -19.57
C VAL A 67 9.05 -8.66 -19.04
C VAL A 67 8.97 -8.63 -18.92
N LYS A 68 10.12 -8.10 -18.48
CA LYS A 68 11.11 -8.90 -17.75
C LYS A 68 10.88 -8.74 -16.25
N ARG A 69 11.24 -9.75 -15.47
CA ARG A 69 11.03 -9.72 -14.03
C ARG A 69 11.68 -8.49 -13.40
N GLU A 70 12.87 -8.14 -13.88
CA GLU A 70 13.61 -7.02 -13.30
C GLU A 70 12.88 -5.67 -13.46
N GLU A 71 12.00 -5.59 -14.45
CA GLU A 71 11.25 -4.37 -14.72
C GLU A 71 9.97 -4.27 -13.89
N LEU A 72 9.59 -5.37 -13.25
CA LEU A 72 8.42 -5.39 -12.39
C LEU A 72 8.81 -5.05 -10.96
N PHE A 73 7.87 -4.43 -10.26
CA PHE A 73 8.04 -4.09 -8.85
C PHE A 73 6.84 -4.65 -8.09
N ILE A 74 7.03 -5.80 -7.48
CA ILE A 74 5.93 -6.49 -6.83
C ILE A 74 6.04 -6.35 -5.32
N VAL A 75 4.96 -5.86 -4.72
CA VAL A 75 4.88 -5.57 -3.29
C VAL A 75 3.86 -6.50 -2.64
N SER A 76 4.22 -7.07 -1.49
CA SER A 76 3.21 -7.73 -0.68
C SER A 76 3.42 -7.36 0.79
N LYS A 77 2.63 -7.95 1.66
CA LYS A 77 2.55 -7.52 3.06
C LYS A 77 2.35 -8.71 3.98
N LEU A 78 3.06 -8.66 5.11
CA LEU A 78 2.97 -9.63 6.19
C LEU A 78 1.72 -9.38 7.01
N TRP A 79 0.83 -10.36 7.06
CA TRP A 79 -0.42 -10.17 7.80
C TRP A 79 -0.21 -10.21 9.33
N CYS A 80 -1.16 -9.63 10.05
CA CYS A 80 -1.09 -9.39 11.49
C CYS A 80 -0.95 -10.65 12.33
N THR A 81 -1.44 -11.78 11.84
CA THR A 81 -1.37 -13.02 12.59
C THR A 81 0.00 -13.69 12.48
N TYR A 82 0.92 -13.05 11.74
CA TYR A 82 2.26 -13.61 11.51
C TYR A 82 3.38 -12.72 12.05
N HIS A 83 3.09 -11.89 13.05
CA HIS A 83 4.13 -11.04 13.61
C HIS A 83 5.19 -11.78 14.42
N GLU A 84 4.86 -12.96 14.95
CA GLU A 84 5.83 -13.74 15.70
C GLU A 84 7.05 -14.03 14.84
N LYS A 85 8.25 -13.79 15.38
CA LYS A 85 9.47 -13.83 14.60
C LYS A 85 9.62 -15.14 13.80
N GLY A 86 9.23 -16.26 14.40
CA GLY A 86 9.36 -17.55 13.76
C GLY A 86 8.36 -17.83 12.65
N LEU A 87 7.36 -16.98 12.50
CA LEU A 87 6.30 -17.18 11.50
C LEU A 87 6.49 -16.34 10.24
N VAL A 88 7.37 -15.34 10.33
CA VAL A 88 7.53 -14.35 9.26
C VAL A 88 8.02 -14.97 7.96
N LYS A 89 9.06 -15.81 8.03
CA LYS A 89 9.59 -16.40 6.81
C LYS A 89 8.56 -17.25 6.07
N GLY A 90 7.84 -18.08 6.81
CA GLY A 90 6.82 -18.92 6.21
C GLY A 90 5.73 -18.11 5.54
N ALA A 91 5.33 -17.01 6.18
CA ALA A 91 4.32 -16.14 5.61
C ALA A 91 4.81 -15.55 4.28
N CYS A 92 6.07 -15.11 4.27
CA CYS A 92 6.66 -14.56 3.05
C CYS A 92 6.72 -15.63 1.95
N GLN A 93 7.14 -16.84 2.32
CA GLN A 93 7.27 -17.93 1.38
C GLN A 93 5.93 -18.33 0.76
N LYS A 94 4.86 -18.28 1.56
CA LYS A 94 3.52 -18.57 1.04
C LYS A 94 3.12 -17.54 -0.01
N THR A 95 3.39 -16.27 0.28
CA THR A 95 3.13 -15.22 -0.69
C THR A 95 3.98 -15.40 -1.96
N LEU A 96 5.26 -15.74 -1.80
CA LEU A 96 6.11 -15.99 -2.97
C LEU A 96 5.57 -17.15 -3.80
N SER A 97 5.13 -18.20 -3.12
CA SER A 97 4.60 -19.37 -3.80
C SER A 97 3.33 -19.02 -4.58
N ASP A 98 2.41 -18.30 -3.94
CA ASP A 98 1.18 -17.89 -4.61
C ASP A 98 1.45 -16.95 -5.78
N LEU A 99 2.34 -16.00 -5.59
CA LEU A 99 2.65 -15.03 -6.65
C LEU A 99 3.52 -15.65 -7.74
N LYS A 100 4.08 -16.82 -7.46
CA LYS A 100 4.97 -17.55 -8.36
C LYS A 100 6.23 -16.75 -8.68
N LEU A 101 6.81 -16.18 -7.63
CA LEU A 101 8.01 -15.39 -7.75
C LEU A 101 9.09 -15.97 -6.86
N ASP A 102 10.35 -15.67 -7.18
CA ASP A 102 11.42 -16.09 -6.30
C ASP A 102 11.94 -14.96 -5.41
N TYR A 103 11.42 -13.75 -5.61
CA TYR A 103 11.66 -12.65 -4.67
C TYR A 103 10.56 -11.62 -4.79
N LEU A 104 10.36 -10.84 -3.72
CA LEU A 104 9.51 -9.65 -3.76
C LEU A 104 10.40 -8.43 -3.86
N ASP A 105 9.93 -7.40 -4.53
CA ASP A 105 10.67 -6.15 -4.53
C ASP A 105 10.53 -5.40 -3.22
N LEU A 106 9.39 -5.57 -2.56
CA LEU A 106 9.13 -4.88 -1.30
C LEU A 106 8.16 -5.69 -0.47
N TYR A 107 8.47 -5.88 0.80
CA TYR A 107 7.60 -6.61 1.71
C TYR A 107 7.35 -5.74 2.93
N LEU A 108 6.07 -5.49 3.22
CA LEU A 108 5.68 -4.56 4.27
C LEU A 108 5.08 -5.26 5.46
N ILE A 109 5.32 -4.75 6.67
CA ILE A 109 4.48 -5.14 7.80
C ILE A 109 3.14 -4.44 7.56
N HIS A 110 2.07 -5.22 7.41
CA HIS A 110 0.80 -4.69 6.92
C HIS A 110 0.17 -3.68 7.88
N TRP A 111 0.17 -4.01 9.18
CA TRP A 111 -0.33 -3.14 10.24
C TRP A 111 0.60 -3.32 11.44
N PRO A 112 0.72 -2.29 12.30
CA PRO A 112 1.57 -2.44 13.48
C PRO A 112 0.94 -3.33 14.57
N THR A 113 -0.33 -3.68 14.40
CA THR A 113 -1.07 -4.49 15.37
C THR A 113 -0.89 -5.99 15.12
N GLY A 114 -0.17 -6.68 16.01
CA GLY A 114 -0.08 -8.13 15.95
C GLY A 114 -1.33 -8.77 16.50
N PHE A 115 -1.83 -9.80 15.81
CA PHE A 115 -3.00 -10.55 16.25
C PHE A 115 -2.59 -11.96 16.61
N LYS A 116 -3.38 -12.59 17.47
CA LYS A 116 -3.18 -13.99 17.85
C LYS A 116 -2.97 -14.88 16.64
N PRO A 117 -1.94 -15.71 16.67
CA PRO A 117 -1.68 -16.62 15.54
C PRO A 117 -2.79 -17.66 15.37
N GLY A 118 -3.02 -18.09 14.14
CA GLY A 118 -4.08 -19.04 13.85
C GLY A 118 -4.56 -18.89 12.42
N LYS A 119 -5.53 -19.71 12.03
CA LYS A 119 -6.05 -19.68 10.66
C LYS A 119 -6.85 -18.41 10.36
N GLU A 120 -7.58 -17.92 11.35
CA GLU A 120 -8.43 -16.75 11.17
C GLU A 120 -7.59 -15.48 11.03
N PHE A 121 -7.91 -14.68 10.03
CA PHE A 121 -7.18 -13.43 9.82
C PHE A 121 -7.51 -12.39 10.90
N PHE A 122 -8.73 -12.45 11.43
CA PHE A 122 -9.18 -11.48 12.42
C PHE A 122 -9.74 -12.23 13.64
N PRO A 123 -8.84 -12.75 14.50
CA PRO A 123 -9.33 -13.47 15.67
C PRO A 123 -9.99 -12.49 16.64
N LEU A 124 -11.24 -12.74 16.99
CA LEU A 124 -11.95 -11.88 17.93
C LEU A 124 -12.33 -12.66 19.17
N ASP A 125 -12.45 -11.99 20.30
CA ASP A 125 -13.05 -12.62 21.47
C ASP A 125 -14.57 -12.60 21.34
N GLU A 126 -15.26 -13.15 22.33
CA GLU A 126 -16.71 -13.27 22.21
C GLU A 126 -17.45 -11.93 22.26
N SER A 127 -16.74 -10.87 22.64
CA SER A 127 -17.32 -9.53 22.63
C SER A 127 -16.88 -8.66 21.46
N GLY A 128 -16.18 -9.27 20.50
CA GLY A 128 -15.84 -8.59 19.27
C GLY A 128 -14.55 -7.80 19.28
N ASN A 129 -13.79 -7.87 20.38
CA ASN A 129 -12.48 -7.24 20.41
C ASN A 129 -11.45 -8.11 19.72
N VAL A 130 -10.54 -7.50 18.97
CA VAL A 130 -9.46 -8.29 18.40
C VAL A 130 -8.59 -8.90 19.49
N VAL A 131 -8.13 -10.11 19.25
CA VAL A 131 -7.22 -10.77 20.20
C VAL A 131 -5.80 -10.50 19.78
N PRO A 132 -5.05 -9.75 20.59
CA PRO A 132 -3.68 -9.38 20.19
C PRO A 132 -2.71 -10.54 20.36
N SER A 133 -1.51 -10.36 19.79
CA SER A 133 -0.41 -11.25 20.12
C SER A 133 0.61 -10.50 20.98
N ASP A 134 1.41 -11.24 21.73
CA ASP A 134 2.37 -10.59 22.63
C ASP A 134 3.69 -10.20 21.97
N THR A 135 3.69 -10.21 20.66
CA THR A 135 4.87 -9.95 19.86
C THR A 135 5.32 -8.51 19.96
N ASN A 136 6.64 -8.34 20.00
CA ASN A 136 7.28 -7.04 19.93
C ASN A 136 7.58 -6.76 18.46
N ILE A 137 7.08 -5.63 17.95
CA ILE A 137 7.28 -5.26 16.55
C ILE A 137 8.75 -5.12 16.17
N LEU A 138 9.61 -4.85 17.14
CA LEU A 138 11.04 -4.80 16.89
C LEU A 138 11.56 -6.19 16.55
N ASP A 139 10.99 -7.22 17.17
CA ASP A 139 11.36 -8.59 16.84
C ASP A 139 10.82 -8.95 15.46
N THR A 140 9.61 -8.50 15.16
CA THR A 140 9.05 -8.69 13.82
C THR A 140 9.98 -8.05 12.79
N TRP A 141 10.45 -6.84 13.09
CA TRP A 141 11.34 -6.14 12.18
C TRP A 141 12.63 -6.92 11.94
N ALA A 142 13.22 -7.48 13.00
CA ALA A 142 14.42 -8.29 12.84
C ALA A 142 14.17 -9.48 11.93
N ALA A 143 12.99 -10.09 12.05
CA ALA A 143 12.62 -11.18 11.16
C ALA A 143 12.49 -10.73 9.69
N MET A 144 11.96 -9.52 9.50
CA MET A 144 11.88 -8.94 8.15
C MET A 144 13.27 -8.71 7.58
N GLU A 145 14.19 -8.24 8.42
CA GLU A 145 15.56 -7.98 7.99
C GLU A 145 16.23 -9.26 7.50
N GLU A 146 15.90 -10.38 8.14
CA GLU A 146 16.48 -11.65 7.72
C GLU A 146 16.04 -12.03 6.31
N LEU A 147 14.82 -11.63 5.94
CA LEU A 147 14.33 -11.91 4.59
C LEU A 147 15.17 -11.23 3.51
N VAL A 148 15.63 -10.01 3.82
CA VAL A 148 16.54 -9.32 2.92
C VAL A 148 17.84 -10.11 2.79
N ASP A 149 18.40 -10.52 3.93
CA ASP A 149 19.67 -11.22 3.94
C ASP A 149 19.60 -12.57 3.25
N GLU A 150 18.44 -13.20 3.27
CA GLU A 150 18.25 -14.49 2.63
C GLU A 150 17.84 -14.38 1.16
N GLY A 151 17.61 -13.14 0.69
CA GLY A 151 17.32 -12.91 -0.72
C GLY A 151 15.86 -13.09 -1.12
N LEU A 152 14.98 -13.26 -0.14
N LEU A 152 14.98 -13.26 -0.14
CA LEU A 152 13.56 -13.44 -0.43
CA LEU A 152 13.56 -13.44 -0.43
C LEU A 152 12.89 -12.13 -0.83
C LEU A 152 12.89 -12.13 -0.82
N VAL A 153 13.40 -11.02 -0.31
CA VAL A 153 12.84 -9.71 -0.60
C VAL A 153 13.97 -8.72 -0.82
N LYS A 154 13.80 -7.76 -1.71
CA LYS A 154 14.83 -6.78 -1.98
C LYS A 154 14.76 -5.58 -1.03
N ALA A 155 13.57 -5.32 -0.50
CA ALA A 155 13.35 -4.19 0.41
C ALA A 155 12.27 -4.56 1.39
N ILE A 156 12.32 -3.95 2.57
CA ILE A 156 11.29 -4.11 3.58
C ILE A 156 10.77 -2.76 4.02
N GLY A 157 9.52 -2.73 4.46
CA GLY A 157 8.91 -1.51 4.92
C GLY A 157 7.75 -1.77 5.83
N ILE A 158 6.96 -0.73 6.03
CA ILE A 158 5.89 -0.75 7.02
C ILE A 158 4.65 -0.12 6.40
N SER A 159 3.51 -0.30 7.04
CA SER A 159 2.27 0.25 6.54
C SER A 159 1.37 0.55 7.73
N ASN A 160 0.70 1.70 7.67
CA ASN A 160 -0.18 2.13 8.76
C ASN A 160 0.57 2.36 10.06
N PHE A 161 1.84 2.73 9.97
CA PHE A 161 2.59 3.09 11.18
C PHE A 161 2.49 4.59 11.39
N ASN A 162 2.16 5.00 12.62
CA ASN A 162 2.17 6.42 12.96
C ASN A 162 3.60 6.89 13.21
N HIS A 163 3.82 8.18 13.42
CA HIS A 163 5.22 8.63 13.45
C HIS A 163 5.99 8.08 14.65
N LEU A 164 5.31 7.87 15.76
CA LEU A 164 5.97 7.28 16.93
C LEU A 164 6.38 5.83 16.66
N GLN A 165 5.55 5.11 15.91
CA GLN A 165 5.84 3.73 15.57
C GLN A 165 6.97 3.65 14.55
N VAL A 166 7.00 4.58 13.61
CA VAL A 166 8.12 4.68 12.67
C VAL A 166 9.39 4.95 13.48
N GLU A 167 9.28 5.89 14.42
CA GLU A 167 10.40 6.26 15.25
C GLU A 167 10.94 5.07 16.06
N MET A 168 10.04 4.22 16.54
CA MET A 168 10.42 3.03 17.29
C MET A 168 11.34 2.12 16.47
N ILE A 169 10.99 1.94 15.20
N ILE A 169 11.01 1.94 15.19
CA ILE A 169 11.80 1.16 14.28
CA ILE A 169 11.85 1.13 14.33
C ILE A 169 13.13 1.83 14.03
C ILE A 169 13.17 1.83 14.02
N LEU A 170 13.10 3.12 13.73
CA LEU A 170 14.31 3.90 13.45
C LEU A 170 15.26 3.91 14.63
N ASN A 171 14.70 3.81 15.84
CA ASN A 171 15.49 3.78 17.06
C ASN A 171 15.73 2.35 17.57
N LYS A 172 15.38 1.34 16.77
CA LYS A 172 15.57 -0.06 17.18
C LYS A 172 17.02 -0.34 17.50
N PRO A 173 17.30 -0.89 18.69
CA PRO A 173 18.68 -1.28 18.99
C PRO A 173 19.16 -2.30 17.96
N GLY A 174 20.30 -2.02 17.34
CA GLY A 174 20.86 -2.93 16.37
C GLY A 174 20.16 -2.92 15.01
N LEU A 175 19.37 -1.89 14.73
CA LEU A 175 18.71 -1.76 13.43
C LEU A 175 19.66 -2.03 12.27
N LYS A 176 19.25 -2.94 11.38
CA LYS A 176 20.10 -3.32 10.25
C LYS A 176 19.65 -2.68 8.94
N TYR A 177 18.36 -2.71 8.65
CA TYR A 177 17.81 -2.06 7.47
C TYR A 177 16.69 -1.13 7.89
N LYS A 178 16.78 0.14 7.51
CA LYS A 178 15.68 1.07 7.71
C LYS A 178 14.50 0.66 6.85
N PRO A 179 13.29 0.98 7.29
CA PRO A 179 12.15 0.78 6.39
C PRO A 179 12.31 1.61 5.11
N ALA A 180 12.05 0.99 3.97
CA ALA A 180 12.18 1.72 2.70
C ALA A 180 10.95 2.56 2.40
N VAL A 181 9.80 2.10 2.90
CA VAL A 181 8.51 2.67 2.55
C VAL A 181 7.59 2.59 3.77
N ASN A 182 6.76 3.61 3.95
CA ASN A 182 5.59 3.54 4.82
C ASN A 182 4.38 3.76 3.92
N GLN A 183 3.51 2.76 3.83
CA GLN A 183 2.32 2.84 3.00
C GLN A 183 1.13 3.22 3.89
N ILE A 184 0.51 4.35 3.58
CA ILE A 184 -0.53 4.92 4.43
C ILE A 184 -1.68 5.44 3.58
N GLU A 185 -2.85 5.55 4.18
CA GLU A 185 -3.99 6.17 3.54
C GLU A 185 -3.69 7.64 3.25
N CYS A 186 -3.95 8.10 2.04
CA CYS A 186 -3.70 9.50 1.73
C CYS A 186 -4.48 9.95 0.51
N HIS A 187 -5.19 11.07 0.66
CA HIS A 187 -6.04 11.61 -0.39
C HIS A 187 -6.44 13.01 0.08
N PRO A 188 -7.18 13.77 -0.74
CA PRO A 188 -7.44 15.16 -0.31
C PRO A 188 -8.23 15.32 0.99
N TYR A 189 -8.93 14.28 1.46
CA TYR A 189 -9.65 14.42 2.73
C TYR A 189 -8.83 13.95 3.92
N LEU A 190 -7.65 13.39 3.66
CA LEU A 190 -6.70 12.92 4.70
C LEU A 190 -5.31 13.12 4.13
N THR A 191 -4.82 14.36 4.23
CA THR A 191 -3.66 14.77 3.46
C THR A 191 -2.32 14.38 4.09
N GLN A 192 -2.34 14.09 5.39
CA GLN A 192 -1.19 13.50 6.08
C GLN A 192 0.09 14.33 6.02
N GLU A 193 -0.01 15.66 6.06
CA GLU A 193 1.18 16.50 5.91
C GLU A 193 2.26 16.18 6.94
N LYS A 194 1.88 16.02 8.20
CA LYS A 194 2.86 15.79 9.26
C LYS A 194 3.59 14.45 9.09
N LEU A 195 2.83 13.39 8.89
CA LEU A 195 3.44 12.08 8.79
C LEU A 195 4.29 11.96 7.52
N ILE A 196 3.81 12.53 6.43
CA ILE A 196 4.59 12.52 5.18
C ILE A 196 5.92 13.27 5.33
N GLN A 197 5.87 14.46 5.90
CA GLN A 197 7.10 15.23 6.08
C GLN A 197 8.07 14.47 7.00
N TYR A 198 7.55 13.87 8.07
CA TYR A 198 8.38 13.08 8.96
C TYR A 198 9.08 11.95 8.22
N CYS A 199 8.31 11.17 7.47
CA CYS A 199 8.88 10.03 6.77
C CYS A 199 9.89 10.47 5.72
N GLN A 200 9.53 11.46 4.92
CA GLN A 200 10.43 11.94 3.87
C GLN A 200 11.72 12.48 4.47
N SER A 201 11.63 13.12 5.63
CA SER A 201 12.81 13.69 6.28
C SER A 201 13.77 12.59 6.75
N LYS A 202 13.25 11.37 6.89
CA LYS A 202 14.06 10.23 7.30
C LYS A 202 14.46 9.36 6.11
N GLY A 203 14.12 9.79 4.91
CA GLY A 203 14.47 9.06 3.70
C GLY A 203 13.56 7.87 3.42
N ILE A 204 12.41 7.83 4.08
CA ILE A 204 11.41 6.79 3.86
C ILE A 204 10.41 7.28 2.83
N VAL A 205 10.22 6.51 1.77
CA VAL A 205 9.26 6.86 0.73
C VAL A 205 7.85 6.52 1.18
N VAL A 206 6.91 7.42 0.93
CA VAL A 206 5.53 7.17 1.29
C VAL A 206 4.72 6.72 0.08
N THR A 207 3.95 5.65 0.27
CA THR A 207 2.97 5.23 -0.72
C THR A 207 1.58 5.59 -0.21
N ALA A 208 0.81 6.27 -1.06
CA ALA A 208 -0.57 6.65 -0.77
C ALA A 208 -1.54 5.57 -1.21
N TYR A 209 -2.25 5.00 -0.25
CA TYR A 209 -3.31 4.06 -0.56
C TYR A 209 -4.69 4.71 -0.48
N SER A 210 -5.69 4.01 -1.02
CA SER A 210 -7.04 4.56 -1.19
C SER A 210 -7.06 5.99 -1.74
N PRO A 211 -6.32 6.25 -2.84
CA PRO A 211 -6.24 7.64 -3.34
C PRO A 211 -7.58 8.16 -3.88
N LEU A 212 -8.51 7.26 -4.20
CA LEU A 212 -9.82 7.65 -4.70
C LEU A 212 -10.86 7.61 -3.58
N GLY A 213 -10.41 7.35 -2.36
CA GLY A 213 -11.31 7.26 -1.22
C GLY A 213 -11.95 5.90 -1.04
N SER A 214 -11.47 4.89 -1.76
CA SER A 214 -11.97 3.52 -1.60
C SER A 214 -13.50 3.42 -1.64
N PRO A 215 -14.12 3.89 -2.72
CA PRO A 215 -15.60 3.87 -2.73
C PRO A 215 -16.20 2.46 -2.64
N ASP A 216 -15.43 1.43 -2.94
CA ASP A 216 -15.91 0.05 -2.84
C ASP A 216 -15.61 -0.66 -1.51
N ARG A 217 -15.05 0.07 -0.54
CA ARG A 217 -14.81 -0.52 0.78
C ARG A 217 -16.12 -1.09 1.34
N PRO A 218 -16.08 -2.31 1.91
CA PRO A 218 -17.35 -2.97 2.27
C PRO A 218 -18.09 -2.29 3.42
N TRP A 219 -17.43 -1.42 4.17
CA TRP A 219 -18.07 -0.76 5.30
C TRP A 219 -18.50 0.66 4.97
N ALA A 220 -18.48 0.99 3.68
CA ALA A 220 -18.94 2.30 3.22
C ALA A 220 -20.42 2.52 3.56
N LYS A 221 -20.77 3.76 3.89
CA LYS A 221 -22.16 4.15 4.13
C LYS A 221 -22.58 5.15 3.06
N PRO A 222 -23.88 5.18 2.72
CA PRO A 222 -24.36 6.08 1.66
C PRO A 222 -24.13 7.56 1.95
N GLU A 223 -24.01 7.94 3.22
CA GLU A 223 -23.84 9.34 3.58
C GLU A 223 -22.37 9.80 3.58
N ASP A 224 -21.45 8.83 3.47
CA ASP A 224 -20.02 9.13 3.49
C ASP A 224 -19.61 10.08 2.36
N PRO A 225 -18.61 10.93 2.62
CA PRO A 225 -18.12 11.83 1.57
C PRO A 225 -17.53 11.05 0.39
N SER A 226 -17.52 11.70 -0.77
CA SER A 226 -17.09 11.06 -2.00
C SER A 226 -16.14 11.98 -2.77
N LEU A 227 -14.86 11.62 -2.79
CA LEU A 227 -13.87 12.39 -3.52
C LEU A 227 -14.19 12.49 -4.99
N LEU A 228 -14.62 11.37 -5.58
CA LEU A 228 -14.88 11.34 -7.01
C LEU A 228 -16.02 12.27 -7.43
N GLU A 229 -16.87 12.63 -6.47
CA GLU A 229 -18.01 13.50 -6.77
C GLU A 229 -17.89 14.91 -6.17
N ASP A 230 -16.75 15.21 -5.56
CA ASP A 230 -16.51 16.55 -5.02
C ASP A 230 -16.46 17.56 -6.17
N PRO A 231 -17.39 18.53 -6.19
CA PRO A 231 -17.45 19.46 -7.33
C PRO A 231 -16.19 20.30 -7.47
N ARG A 232 -15.50 20.54 -6.37
CA ARG A 232 -14.27 21.34 -6.41
C ARG A 232 -13.16 20.57 -7.15
N ILE A 233 -13.10 19.27 -6.91
CA ILE A 233 -12.12 18.43 -7.57
C ILE A 233 -12.50 18.22 -9.04
N LYS A 234 -13.80 18.03 -9.28
CA LYS A 234 -14.30 17.94 -10.65
C LYS A 234 -13.91 19.19 -11.46
N ALA A 235 -13.95 20.36 -10.82
CA ALA A 235 -13.62 21.61 -11.50
C ALA A 235 -12.14 21.65 -11.90
N ILE A 236 -11.27 21.20 -11.01
CA ILE A 236 -9.85 21.11 -11.34
C ILE A 236 -9.64 20.14 -12.50
N ALA A 237 -10.31 19.00 -12.46
CA ALA A 237 -10.23 18.02 -13.54
C ALA A 237 -10.67 18.64 -14.89
N ALA A 238 -11.77 19.37 -14.88
CA ALA A 238 -12.28 19.98 -16.11
C ALA A 238 -11.26 20.94 -16.71
N LYS A 239 -10.57 21.70 -15.86
CA LYS A 239 -9.56 22.63 -16.33
C LYS A 239 -8.47 21.93 -17.14
N HIS A 240 -8.13 20.71 -16.73
CA HIS A 240 -7.05 19.95 -17.37
C HIS A 240 -7.52 18.98 -18.44
N ASN A 241 -8.84 18.95 -18.70
CA ASN A 241 -9.42 17.96 -19.60
C ASN A 241 -9.04 16.54 -19.17
N LYS A 242 -9.13 16.31 -17.86
CA LYS A 242 -8.83 15.01 -17.28
C LYS A 242 -10.02 14.58 -16.43
N THR A 243 -10.07 13.32 -16.03
CA THR A 243 -11.11 12.90 -15.11
C THR A 243 -10.73 13.22 -13.68
N THR A 244 -11.74 13.21 -12.81
CA THR A 244 -11.50 13.44 -11.40
C THR A 244 -10.54 12.39 -10.82
N ALA A 245 -10.71 11.12 -11.23
CA ALA A 245 -9.78 10.08 -10.81
C ALA A 245 -8.34 10.40 -11.21
N GLN A 246 -8.15 10.89 -12.43
CA GLN A 246 -6.82 11.24 -12.90
C GLN A 246 -6.19 12.35 -12.06
N VAL A 247 -6.99 13.35 -11.68
CA VAL A 247 -6.53 14.37 -10.75
C VAL A 247 -6.14 13.77 -9.39
N LEU A 248 -6.97 12.88 -8.87
CA LEU A 248 -6.72 12.28 -7.56
C LEU A 248 -5.46 11.42 -7.57
N ILE A 249 -5.11 10.87 -8.73
CA ILE A 249 -3.91 10.04 -8.86
C ILE A 249 -2.67 10.92 -9.05
N ARG A 250 -2.80 11.97 -9.85
CA ARG A 250 -1.68 12.88 -10.09
C ARG A 250 -1.26 13.64 -8.84
N PHE A 251 -2.23 13.97 -7.99
CA PHE A 251 -2.02 14.74 -6.77
C PHE A 251 -0.87 14.15 -5.90
N PRO A 252 -0.97 12.89 -5.46
CA PRO A 252 0.12 12.37 -4.63
C PRO A 252 1.43 12.26 -5.39
N MET A 253 1.38 12.01 -6.70
CA MET A 253 2.60 11.93 -7.50
C MET A 253 3.41 13.22 -7.37
N GLN A 254 2.73 14.37 -7.36
CA GLN A 254 3.42 15.65 -7.28
C GLN A 254 3.85 16.03 -5.85
N ARG A 255 3.56 15.17 -4.89
CA ARG A 255 4.05 15.31 -3.53
C ARG A 255 5.22 14.36 -3.27
N ASN A 256 5.77 13.79 -4.34
CA ASN A 256 6.83 12.78 -4.26
C ASN A 256 6.40 11.52 -3.56
N LEU A 257 5.12 11.18 -3.71
CA LEU A 257 4.58 9.94 -3.20
C LEU A 257 4.42 8.92 -4.32
N VAL A 258 4.39 7.66 -3.93
CA VAL A 258 3.94 6.58 -4.80
C VAL A 258 2.43 6.46 -4.58
N VAL A 259 1.69 6.04 -5.60
CA VAL A 259 0.24 5.92 -5.48
C VAL A 259 -0.25 4.64 -6.16
N ILE A 260 -1.24 3.99 -5.55
CA ILE A 260 -1.65 2.65 -5.97
C ILE A 260 -3.19 2.50 -6.15
N PRO A 261 -3.77 3.26 -7.09
CA PRO A 261 -5.21 3.13 -7.32
C PRO A 261 -5.60 1.71 -7.74
N LYS A 262 -6.73 1.24 -7.23
CA LYS A 262 -7.25 -0.09 -7.56
C LYS A 262 -8.36 0.01 -8.60
N SER A 263 -8.30 -0.87 -9.59
CA SER A 263 -9.45 -1.10 -10.46
C SER A 263 -9.38 -2.49 -11.04
N VAL A 264 -10.54 -3.09 -11.28
CA VAL A 264 -10.63 -4.30 -12.11
C VAL A 264 -11.36 -4.01 -13.43
N THR A 265 -11.59 -2.73 -13.72
CA THR A 265 -12.28 -2.34 -14.94
C THR A 265 -11.25 -1.92 -15.98
N PRO A 266 -11.14 -2.66 -17.10
CA PRO A 266 -10.06 -2.35 -18.05
C PRO A 266 -10.00 -0.88 -18.48
N GLU A 267 -11.15 -0.26 -18.73
CA GLU A 267 -11.15 1.14 -19.16
C GLU A 267 -10.56 2.06 -18.08
N ARG A 268 -10.87 1.76 -16.82
CA ARG A 268 -10.37 2.57 -15.71
C ARG A 268 -8.89 2.29 -15.43
N ILE A 269 -8.48 1.03 -15.56
CA ILE A 269 -7.08 0.67 -15.41
C ILE A 269 -6.25 1.51 -16.38
N ALA A 270 -6.70 1.61 -17.63
CA ALA A 270 -6.02 2.40 -18.65
C ALA A 270 -6.10 3.91 -18.32
N GLU A 271 -7.28 4.39 -17.97
CA GLU A 271 -7.48 5.80 -17.62
C GLU A 271 -6.54 6.22 -16.49
N ASN A 272 -6.45 5.38 -15.47
CA ASN A 272 -5.65 5.68 -14.29
C ASN A 272 -4.15 5.78 -14.58
N PHE A 273 -3.70 5.13 -15.65
CA PHE A 273 -2.30 5.17 -16.01
C PHE A 273 -1.95 6.41 -16.84
N LYS A 274 -2.97 7.05 -17.40
CA LYS A 274 -2.76 8.19 -18.30
C LYS A 274 -2.68 9.48 -17.48
N VAL A 275 -1.63 9.54 -16.67
CA VAL A 275 -1.45 10.64 -15.73
C VAL A 275 -0.04 11.19 -15.81
N PHE A 276 0.68 10.83 -16.88
CA PHE A 276 2.03 11.34 -17.09
C PHE A 276 2.08 12.37 -18.21
N ASP A 277 0.92 12.82 -18.69
CA ASP A 277 0.85 13.75 -19.82
C ASP A 277 0.31 15.11 -19.42
N PHE A 278 0.17 15.33 -18.12
CA PHE A 278 -0.28 16.63 -17.61
C PHE A 278 0.31 16.87 -16.23
N GLU A 279 0.25 18.13 -15.79
CA GLU A 279 0.70 18.53 -14.47
C GLU A 279 -0.38 19.35 -13.81
N LEU A 280 -0.64 19.08 -12.53
CA LEU A 280 -1.43 19.98 -11.71
C LEU A 280 -0.56 21.20 -11.44
N SER A 281 -1.16 22.38 -11.43
CA SER A 281 -0.41 23.59 -11.12
C SER A 281 -0.05 23.61 -9.64
N SER A 282 0.89 24.47 -9.28
CA SER A 282 1.26 24.57 -7.89
C SER A 282 0.05 24.99 -7.05
N GLN A 283 -0.84 25.80 -7.63
CA GLN A 283 -2.05 26.24 -6.94
C GLN A 283 -3.12 25.12 -6.86
N ASP A 284 -3.19 24.29 -7.89
CA ASP A 284 -4.02 23.09 -7.79
C ASP A 284 -3.59 22.27 -6.57
N MET A 285 -2.28 22.18 -6.35
CA MET A 285 -1.73 21.38 -5.26
C MET A 285 -2.10 21.95 -3.89
N THR A 286 -1.87 23.24 -3.69
CA THR A 286 -2.21 23.84 -2.39
C THR A 286 -3.72 23.78 -2.15
N THR A 287 -4.50 23.95 -3.21
CA THR A 287 -5.95 23.92 -3.09
C THR A 287 -6.45 22.52 -2.72
N LEU A 288 -5.92 21.50 -3.37
CA LEU A 288 -6.29 20.13 -2.99
C LEU A 288 -5.90 19.82 -1.54
N LEU A 289 -4.72 20.29 -1.11
CA LEU A 289 -4.32 20.10 0.27
C LEU A 289 -5.32 20.74 1.24
N SER A 290 -5.92 21.86 0.84
CA SER A 290 -6.82 22.61 1.70
C SER A 290 -8.11 21.84 1.98
N TYR A 291 -8.37 20.78 1.21
CA TYR A 291 -9.61 20.02 1.38
C TYR A 291 -9.51 18.99 2.51
N ASN A 292 -8.38 18.92 3.18
CA ASN A 292 -8.22 17.97 4.29
C ASN A 292 -9.35 18.06 5.30
N ARG A 293 -9.85 16.89 5.71
CA ARG A 293 -10.92 16.80 6.69
C ARG A 293 -10.54 15.85 7.81
N ASN A 294 -9.33 15.30 7.77
CA ASN A 294 -8.94 14.23 8.67
C ASN A 294 -9.95 13.07 8.64
N TRP A 295 -10.45 12.79 7.44
CA TRP A 295 -11.41 11.72 7.23
C TRP A 295 -10.71 10.45 6.78
N ARG A 296 -10.76 9.45 7.65
CA ARG A 296 -10.02 8.22 7.45
C ARG A 296 -10.99 7.08 7.16
N VAL A 297 -10.81 6.42 6.01
CA VAL A 297 -11.70 5.33 5.62
C VAL A 297 -11.22 3.96 6.08
N CYS A 298 -9.93 3.82 6.35
N CYS A 298 -9.92 3.84 6.35
CA CYS A 298 -9.39 2.50 6.65
CA CYS A 298 -9.33 2.56 6.69
C CYS A 298 -8.90 2.36 8.10
C CYS A 298 -8.92 2.47 8.15
N ALA A 299 -9.75 1.79 8.93
CA ALA A 299 -9.46 1.51 10.32
C ALA A 299 -10.52 0.51 10.79
N LEU A 300 -10.28 -0.15 11.91
CA LEU A 300 -11.23 -1.16 12.40
C LEU A 300 -11.53 -0.88 13.86
N LEU A 301 -12.81 -0.70 14.16
CA LEU A 301 -13.25 -0.42 15.53
C LEU A 301 -12.76 -1.47 16.52
N SER A 302 -12.77 -2.72 16.09
CA SER A 302 -12.38 -3.83 16.97
C SER A 302 -10.91 -3.77 17.36
N CYS A 303 -10.14 -2.93 16.69
CA CYS A 303 -8.72 -2.81 16.98
C CYS A 303 -8.37 -1.59 17.83
N THR A 304 -9.37 -0.78 18.16
CA THR A 304 -9.10 0.49 18.85
C THR A 304 -8.56 0.33 20.27
N SER A 305 -8.71 -0.86 20.85
CA SER A 305 -8.14 -1.13 22.17
C SER A 305 -6.80 -1.86 22.10
N HIS A 306 -6.39 -2.25 20.89
CA HIS A 306 -5.08 -2.86 20.71
C HIS A 306 -4.04 -1.84 21.11
N LYS A 307 -3.05 -2.24 21.91
CA LYS A 307 -2.08 -1.27 22.41
C LYS A 307 -1.29 -0.60 21.28
N ASP A 308 -1.23 -1.24 20.12
CA ASP A 308 -0.48 -0.71 18.98
C ASP A 308 -1.39 -0.14 17.90
N TYR A 309 -2.65 0.10 18.23
CA TYR A 309 -3.55 0.76 17.29
C TYR A 309 -2.92 2.07 16.86
N PRO A 310 -2.82 2.31 15.54
CA PRO A 310 -1.98 3.43 15.09
C PRO A 310 -2.64 4.81 15.11
N PHE A 311 -3.97 4.87 15.22
CA PHE A 311 -4.67 6.11 14.89
C PHE A 311 -5.17 6.94 16.07
N HIS A 312 -4.72 6.64 17.29
CA HIS A 312 -5.00 7.49 18.45
C HIS A 312 -4.09 8.73 18.39
N GLU A 313 -2.84 8.52 18.00
CA GLU A 313 -1.87 9.60 17.88
C GLU A 313 -2.29 10.58 16.81
N GLU A 314 -1.93 11.86 16.99
CA GLU A 314 -2.22 12.89 16.01
C GLU A 314 -1.68 12.50 14.63
N PHE A 315 -0.44 12.01 14.60
CA PHE A 315 0.14 11.51 13.36
C PHE A 315 1.25 10.53 13.66
O1 3UH B . -8.32 -3.41 4.56
C2 3UH B . -7.30 -3.07 3.61
C3 3UH B . -5.96 -3.47 4.14
O4 3UH B . -5.87 -3.71 5.44
O6 3UH B . -5.03 -3.55 3.37
C9 3UH B . -8.70 -4.74 4.63
C10 3UH B . -9.31 -5.19 5.80
C11 3UH B . -9.45 -4.25 6.97
N12 3UH B . -8.38 -3.44 7.24
C14 3UH B . -8.43 -2.52 8.36
C15 3UH B . -7.50 -2.94 9.52
C16 3UH B . -7.36 -2.06 10.58
C17 3UH B . -6.52 -2.35 11.68
N18 3UH B . -6.42 -1.44 12.70
O19 3UH B . -7.19 -0.49 12.71
O20 3UH B . -5.57 -1.62 13.56
C21 3UH B . -5.84 -3.57 11.68
C22 3UH B . -5.98 -4.47 10.61
C23 3UH B . -6.81 -4.16 9.53
O30 3UH B . -10.45 -4.31 7.67
C31 3UH B . -9.75 -6.50 5.90
C33 3UH B . -9.58 -7.38 4.84
C34 3UH B . -10.03 -8.79 4.98
C35 3UH B . -11.16 -9.12 5.75
C36 3UH B . -11.54 -10.46 5.87
C38 3UH B . -10.80 -11.47 5.23
C39 3UH B . -9.69 -11.13 4.45
C40 3UH B . -9.31 -9.79 4.33
C45 3UH B . -8.97 -6.93 3.67
C47 3UH B . -8.51 -5.61 3.56
PA NAP C . -9.13 3.23 -4.30
O1A NAP C . -7.97 2.84 -5.26
O2A NAP C . -9.10 4.57 -3.67
O5B NAP C . -10.52 3.11 -5.06
C5B NAP C . -10.91 1.89 -5.70
C4B NAP C . -12.34 2.09 -6.20
O4B NAP C . -12.38 3.13 -7.18
C3B NAP C . -12.96 0.86 -6.87
O3B NAP C . -14.34 0.81 -6.53
C2B NAP C . -12.73 1.12 -8.37
O2B NAP C . -13.75 0.48 -9.12
C1B NAP C . -12.91 2.65 -8.42
N9A NAP C . -12.17 3.26 -9.51
C8A NAP C . -10.94 3.05 -9.89
N7A NAP C . -10.60 3.79 -10.87
C5A NAP C . -11.63 4.59 -11.17
C6A NAP C . -11.82 5.57 -12.14
N6A NAP C . -10.87 5.92 -13.01
N1A NAP C . -13.04 6.16 -12.14
C2A NAP C . -14.02 5.82 -11.27
N3A NAP C . -13.85 4.86 -10.33
C4A NAP C . -12.65 4.25 -10.28
O3 NAP C . -9.35 2.18 -3.11
PN NAP C . -8.47 1.05 -2.38
O1N NAP C . -8.89 1.10 -0.95
O2N NAP C . -8.62 -0.27 -3.06
O5D NAP C . -6.94 1.52 -2.40
C5D NAP C . -6.04 1.24 -3.46
C4D NAP C . -5.11 0.08 -3.06
O4D NAP C . -4.30 0.47 -1.93
C3D NAP C . -5.82 -1.18 -2.52
O3D NAP C . -6.42 -1.96 -3.57
C2D NAP C . -4.61 -1.86 -1.89
O2D NAP C . -3.76 -2.42 -2.90
C1D NAP C . -3.94 -0.69 -1.16
N1N NAP C . -4.44 -0.53 0.27
C2N NAP C . -3.59 -0.84 1.26
C3N NAP C . -3.99 -0.74 2.58
C7N NAP C . -3.05 -1.05 3.71
O7N NAP C . -3.50 -1.17 4.84
N7N NAP C . -1.72 -1.09 3.45
C4N NAP C . -5.29 -0.31 2.86
C5N NAP C . -6.15 0.04 1.82
C6N NAP C . -5.70 -0.07 0.52
P2B NAP C . -13.52 -0.78 -10.06
O1X NAP C . -13.13 -0.25 -11.49
O2X NAP C . -12.38 -1.68 -9.46
O3X NAP C . -14.83 -1.51 -10.09
#